data_8BE9
#
_entry.id   8BE9
#
_cell.length_a   150.410
_cell.length_b   150.410
_cell.length_c   200.980
_cell.angle_alpha   90.000
_cell.angle_beta   90.000
_cell.angle_gamma   90.000
#
_symmetry.space_group_name_H-M   'I 4 2 2'
#
loop_
_entity.id
_entity.type
_entity.pdbx_description
1 polymer 'GTPase HRas'
2 polymer 'Son of sevenless homolog 1'
3 polymer SOS1-HRas-peptidomimetic5
4 non-polymer 'CHLORIDE ION'
5 non-polymer 'FORMIC ACID'
6 water water
#
loop_
_entity_poly.entity_id
_entity_poly.type
_entity_poly.pdbx_seq_one_letter_code
_entity_poly.pdbx_strand_id
1 'polypeptide(L)'
;MGSSHHHHHHSSGLVPRGSHMTEYKLVVVGAGGVGKSALTIQLIQNHFVDEYDPTIEDSYRKQVVIDGETCLLDILDTAG
QEEYSAMRDQYMRTGEGFLCVFAINNTKSFEDIHQYREQIKRVKDSDDVPMVLVGNKCDLAARTVESRQAQDLARSYGIP
YIETSAKTRQGVEDAFYTLVREIRQH
;
R
2 'polypeptide(L)'
;MGSSHHHHHHSSGLVPRGSHMEEQMRLPSADVYRFAEPDSEENIIFEENMQPKAGIPIIKAGTVIKLIERLTYHMYADPN
FVRTFLTTYRSFCKPQELLSLIIERFEIPEPEPTEADRIAIENGDQPLSAELKRFRKEYIQPVQLRVLNVCRHWVEHHFY
DFERDAYLLQRMEEFIGTVRGKAMKKWVESITKIIQRKKIARDNGPGHNITFQSSPPTVEWHISRPGHIETFDLLTLHPI
EIARQLTLLESDLYRAVQPSELVGSVWTKEDKEINSPNLLKMIRHTTNLTLWFEKCIVETENLEERVAVVSRIIEILQVF
QELNNFNGVLEVVSAMNSSPVYRLDHTFEQIPSRQKKILEEAHELSEDHYKKYLAKLRSINPPCVPFFGIYLTNILKTEE
GNPEVLKRHGKELINFSKRRKVAEITGEIQQYQNQPYCLRVESDIKRFFENLNPMGNSMEKEFTDYLFNKSLEIEPRNPK
PLPRFPKKYSYPLKSPGVRPSNPRPGT
;
S
3 'polypeptide(L)' K(7XC)HPWSVA(XSN) P
#
# COMPACT_ATOMS: atom_id res chain seq x y z
N MET A 21 0.41 15.76 29.31
CA MET A 21 1.60 16.11 28.52
C MET A 21 1.25 16.38 27.05
N THR A 22 1.96 17.34 26.45
CA THR A 22 1.66 17.77 25.09
C THR A 22 1.97 16.70 24.05
N GLU A 23 1.12 16.64 23.04
CA GLU A 23 1.25 15.70 21.93
C GLU A 23 1.46 16.50 20.65
N TYR A 24 2.42 16.09 19.82
CA TYR A 24 2.78 16.82 18.60
C TYR A 24 2.49 15.97 17.37
N LYS A 25 1.54 16.40 16.56
CA LYS A 25 1.19 15.71 15.31
C LYS A 25 2.17 16.12 14.20
N LEU A 26 3.13 15.27 13.89
CA LEU A 26 4.10 15.55 12.84
C LEU A 26 3.80 14.72 11.60
N VAL A 27 4.08 15.29 10.42
CA VAL A 27 3.83 14.61 9.14
C VAL A 27 5.11 14.67 8.31
N VAL A 28 5.52 13.53 7.80
CA VAL A 28 6.66 13.41 6.91
C VAL A 28 6.18 13.52 5.47
N VAL A 29 6.80 14.41 4.71
CA VAL A 29 6.41 14.67 3.33
C VAL A 29 7.65 14.60 2.46
N GLY A 30 7.54 13.94 1.31
CA GLY A 30 8.66 13.92 0.40
C GLY A 30 8.50 12.84 -0.64
N ALA A 31 9.39 12.91 -1.63
CA ALA A 31 9.34 11.98 -2.76
C ALA A 31 9.48 10.54 -2.31
N GLY A 32 8.86 9.65 -3.09
CA GLY A 32 9.02 8.23 -2.83
C GLY A 32 10.12 7.60 -3.65
N GLY A 33 10.48 6.38 -3.28
CA GLY A 33 11.48 5.64 -4.03
C GLY A 33 12.90 5.97 -3.67
N VAL A 34 13.12 6.80 -2.65
CA VAL A 34 14.47 7.23 -2.26
C VAL A 34 14.68 7.05 -0.76
N GLY A 35 13.94 6.13 -0.15
CA GLY A 35 14.14 5.72 1.24
C GLY A 35 13.80 6.73 2.31
N LYS A 36 12.76 7.55 2.11
CA LYS A 36 12.39 8.51 3.14
C LYS A 36 11.92 7.85 4.43
N SER A 37 11.43 6.60 4.36
CA SER A 37 10.88 5.96 5.55
C SER A 37 11.94 5.73 6.62
N ALA A 38 13.23 5.73 6.24
CA ALA A 38 14.29 5.47 7.20
C ALA A 38 14.33 6.53 8.29
N LEU A 39 13.90 7.75 7.99
CA LEU A 39 14.00 8.82 8.98
C LEU A 39 13.16 8.49 10.23
N THR A 40 11.88 8.14 10.04
CA THR A 40 11.01 7.86 11.18
C THR A 40 11.31 6.50 11.81
N ILE A 41 11.56 5.48 10.98
CA ILE A 41 11.88 4.15 11.50
C ILE A 41 13.07 4.24 12.45
N GLN A 42 14.10 4.97 12.06
CA GLN A 42 15.27 5.09 12.92
C GLN A 42 14.97 5.88 14.18
N LEU A 43 14.12 6.91 14.08
CA LEU A 43 13.78 7.66 15.28
C LEU A 43 13.13 6.75 16.30
N ILE A 44 12.23 5.88 15.85
CA ILE A 44 11.40 5.12 16.77
C ILE A 44 12.10 3.88 17.29
N GLN A 45 12.98 3.28 16.49
CA GLN A 45 13.75 2.15 17.00
C GLN A 45 14.64 2.58 18.16
N ASN A 46 14.86 1.64 19.09
CA ASN A 46 15.65 1.87 20.32
C ASN A 46 17.15 1.86 20.07
N HIS A 47 17.57 2.41 18.92
CA HIS A 47 18.96 2.70 18.60
C HIS A 47 19.79 1.43 18.36
N PHE A 48 19.51 0.36 19.12
CA PHE A 48 20.13 -0.94 18.92
C PHE A 48 19.09 -2.01 18.65
N VAL A 49 17.82 -1.61 18.55
CA VAL A 49 16.75 -2.43 18.00
C VAL A 49 16.68 -2.22 16.50
N ASP A 50 16.75 -3.33 15.75
CA ASP A 50 16.56 -3.29 14.31
C ASP A 50 15.25 -3.92 13.85
N GLU A 51 14.41 -4.40 14.77
CA GLU A 51 13.06 -4.80 14.40
C GLU A 51 12.18 -3.58 14.20
N TYR A 52 11.19 -3.74 13.32
CA TYR A 52 10.17 -2.73 13.15
C TYR A 52 8.91 -3.48 12.76
N ASP A 53 7.85 -3.33 13.56
CA ASP A 53 6.50 -3.76 13.18
C ASP A 53 5.66 -2.51 12.95
N PRO A 54 5.42 -2.12 11.69
CA PRO A 54 4.66 -0.89 11.44
C PRO A 54 3.18 -0.99 11.76
N THR A 55 2.68 -2.15 12.19
CA THR A 55 1.26 -2.38 12.38
C THR A 55 0.76 -2.03 13.78
N ILE A 56 1.62 -1.50 14.65
CA ILE A 56 1.24 -1.31 16.05
C ILE A 56 1.53 0.13 16.44
N GLU A 57 0.73 0.65 17.38
CA GLU A 57 0.80 2.07 17.75
C GLU A 57 2.22 2.50 18.13
N ASP A 58 2.96 1.61 18.80
CA ASP A 58 4.29 1.99 19.27
C ASP A 58 5.27 2.22 18.13
N SER A 59 4.88 1.91 16.89
CA SER A 59 5.75 2.13 15.74
C SER A 59 5.70 3.56 15.21
N TYR A 60 4.71 4.38 15.61
CA TYR A 60 4.64 5.77 15.20
C TYR A 60 4.37 6.74 16.36
N ARG A 61 4.44 6.29 17.62
CA ARG A 61 4.30 7.18 18.77
C ARG A 61 5.45 6.92 19.74
N LYS A 62 6.16 7.99 20.10
CA LYS A 62 7.35 7.93 20.94
C LYS A 62 7.26 9.04 21.98
N GLN A 63 7.53 8.71 23.23
CA GLN A 63 7.63 9.70 24.29
C GLN A 63 9.07 10.19 24.34
N VAL A 64 9.26 11.51 24.42
CA VAL A 64 10.60 12.10 24.40
C VAL A 64 10.65 13.30 25.33
N VAL A 65 11.88 13.68 25.69
CA VAL A 65 12.12 14.89 26.46
C VAL A 65 12.93 15.83 25.59
N ILE A 66 12.42 17.03 25.37
CA ILE A 66 13.05 18.00 24.48
C ILE A 66 13.17 19.33 25.23
N ASP A 67 14.41 19.77 25.43
CA ASP A 67 14.69 21.00 26.17
C ASP A 67 14.09 20.93 27.57
N GLY A 68 14.13 19.73 28.17
CA GLY A 68 13.63 19.54 29.51
C GLY A 68 12.15 19.27 29.63
N GLU A 69 11.36 19.53 28.60
CA GLU A 69 9.93 19.29 28.66
C GLU A 69 9.60 17.97 27.98
N THR A 70 8.84 17.13 28.68
CA THR A 70 8.41 15.83 28.15
C THR A 70 7.20 16.01 27.24
N CYS A 71 7.23 15.36 26.09
CA CYS A 71 6.14 15.42 25.13
C CYS A 71 6.03 14.09 24.42
N LEU A 72 4.98 13.97 23.62
CA LEU A 72 4.73 12.75 22.88
C LEU A 72 4.71 13.09 21.39
N LEU A 73 5.58 12.45 20.63
CA LEU A 73 5.63 12.64 19.19
C LEU A 73 4.74 11.61 18.51
N ASP A 74 3.75 12.09 17.75
CA ASP A 74 2.94 11.25 16.88
C ASP A 74 3.35 11.55 15.44
N ILE A 75 3.85 10.53 14.73
CA ILE A 75 4.50 10.76 13.44
C ILE A 75 3.76 9.99 12.35
N LEU A 76 3.22 10.73 11.38
CA LEU A 76 2.57 10.15 10.22
C LEU A 76 3.55 10.15 9.04
N ASP A 77 3.87 8.96 8.54
CA ASP A 77 4.71 8.78 7.38
C ASP A 77 3.98 7.84 6.45
N THR A 78 3.45 8.37 5.34
CA THR A 78 2.68 7.57 4.39
C THR A 78 3.55 6.96 3.29
N ALA A 79 4.84 6.74 3.55
CA ALA A 79 5.74 6.15 2.57
C ALA A 79 5.09 4.96 1.87
N GLY A 80 5.16 4.94 0.54
CA GLY A 80 4.58 3.88 -0.25
C GLY A 80 3.27 4.25 -0.94
N GLN A 81 2.58 5.29 -0.47
CA GLN A 81 1.30 5.73 -1.02
C GLN A 81 1.45 6.96 -1.91
N GLU A 82 2.65 7.21 -2.43
CA GLU A 82 2.91 8.41 -3.22
C GLU A 82 2.02 8.52 -4.45
N GLU A 83 1.67 7.39 -5.09
CA GLU A 83 0.77 7.46 -6.24
C GLU A 83 -0.64 7.95 -5.90
N TYR A 84 -1.08 7.85 -4.64
CA TYR A 84 -2.37 8.40 -4.22
C TYR A 84 -2.24 9.90 -4.03
N SER A 85 -2.04 10.61 -5.14
CA SER A 85 -1.71 12.02 -5.06
C SER A 85 -2.89 12.86 -4.59
N ALA A 86 -4.11 12.41 -4.83
CA ALA A 86 -5.24 13.19 -4.36
C ALA A 86 -5.44 13.03 -2.86
N MET A 87 -4.65 12.18 -2.20
CA MET A 87 -4.79 12.01 -0.76
C MET A 87 -3.85 12.86 0.04
N ARG A 88 -2.99 13.65 -0.62
CA ARG A 88 -1.97 14.38 0.12
C ARG A 88 -2.60 15.40 1.06
N ASP A 89 -3.59 16.16 0.57
CA ASP A 89 -4.25 17.15 1.43
C ASP A 89 -4.83 16.51 2.69
N GLN A 90 -5.52 15.37 2.52
CA GLN A 90 -6.08 14.66 3.68
C GLN A 90 -5.01 14.36 4.70
N TYR A 91 -3.92 13.74 4.25
CA TYR A 91 -2.84 13.40 5.18
C TYR A 91 -2.20 14.65 5.77
N MET A 92 -1.93 15.67 4.95
CA MET A 92 -1.25 16.86 5.47
C MET A 92 -2.13 17.57 6.50
N ARG A 93 -3.44 17.55 6.29
CA ARG A 93 -4.38 18.26 7.20
C ARG A 93 -4.24 17.74 8.64
N THR A 94 -3.66 16.55 8.83
CA THR A 94 -3.58 16.00 10.19
C THR A 94 -2.39 16.50 11.00
N GLY A 95 -1.40 17.16 10.39
CA GLY A 95 -0.21 17.56 11.09
C GLY A 95 -0.23 19.03 11.52
N GLU A 96 0.53 19.32 12.58
CA GLU A 96 0.85 20.71 12.87
C GLU A 96 2.29 21.08 12.53
N GLY A 97 3.17 20.11 12.36
CA GLY A 97 4.51 20.37 11.89
C GLY A 97 4.87 19.37 10.83
N PHE A 98 5.79 19.76 9.95
CA PHE A 98 6.07 19.00 8.74
C PHE A 98 7.57 18.85 8.54
N LEU A 99 7.97 17.62 8.25
CA LEU A 99 9.30 17.31 7.77
C LEU A 99 9.24 17.12 6.26
N CYS A 100 9.95 17.97 5.53
CA CYS A 100 10.06 17.91 4.07
C CYS A 100 11.38 17.26 3.74
N VAL A 101 11.32 16.06 3.17
CA VAL A 101 12.45 15.16 3.12
C VAL A 101 12.80 14.91 1.67
N PHE A 102 14.08 15.09 1.34
CA PHE A 102 14.61 14.68 0.06
C PHE A 102 15.88 13.87 0.31
N ALA A 103 16.32 13.17 -0.73
CA ALA A 103 17.54 12.37 -0.68
C ALA A 103 18.68 13.13 -1.35
N ILE A 104 19.84 13.16 -0.71
CA ILE A 104 20.92 14.00 -1.21
C ILE A 104 21.61 13.37 -2.41
N ASN A 105 21.21 12.17 -2.80
CA ASN A 105 21.68 11.56 -4.04
C ASN A 105 20.63 11.58 -5.15
N ASN A 106 19.57 12.37 -4.99
CA ASN A 106 18.47 12.37 -5.96
C ASN A 106 18.00 13.81 -6.16
N THR A 107 18.51 14.44 -7.21
CA THR A 107 18.19 15.83 -7.47
C THR A 107 16.70 16.06 -7.64
N LYS A 108 16.01 15.14 -8.33
CA LYS A 108 14.57 15.29 -8.56
C LYS A 108 13.81 15.42 -7.25
N SER A 109 14.11 14.57 -6.25
CA SER A 109 13.44 14.65 -4.95
C SER A 109 13.72 15.98 -4.26
N PHE A 110 14.88 16.57 -4.50
CA PHE A 110 15.16 17.91 -3.99
C PHE A 110 14.31 18.97 -4.71
N GLU A 111 14.15 18.85 -6.03
CA GLU A 111 13.34 19.82 -6.77
C GLU A 111 11.85 19.74 -6.42
N ASP A 112 11.35 18.55 -6.03
CA ASP A 112 9.95 18.39 -5.62
C ASP A 112 9.62 19.19 -4.37
N ILE A 113 10.62 19.52 -3.55
CA ILE A 113 10.38 20.18 -2.26
C ILE A 113 9.49 21.42 -2.44
N HIS A 114 9.83 22.26 -3.42
CA HIS A 114 9.08 23.52 -3.55
C HIS A 114 7.58 23.28 -3.64
N GLN A 115 7.15 22.28 -4.42
CA GLN A 115 5.72 22.05 -4.58
C GLN A 115 5.10 21.46 -3.32
N TYR A 116 5.76 20.46 -2.71
CA TYR A 116 5.28 19.96 -1.43
C TYR A 116 5.01 21.10 -0.45
N ARG A 117 5.90 22.10 -0.40
CA ARG A 117 5.72 23.16 0.58
C ARG A 117 4.54 24.06 0.20
N GLU A 118 4.47 24.49 -1.07
CA GLU A 118 3.28 25.21 -1.53
C GLU A 118 2.01 24.47 -1.13
N GLN A 119 2.03 23.15 -1.26
CA GLN A 119 0.83 22.40 -0.94
C GLN A 119 0.54 22.41 0.56
N ILE A 120 1.56 22.23 1.40
CA ILE A 120 1.35 22.31 2.85
C ILE A 120 0.80 23.69 3.22
N LYS A 121 1.40 24.76 2.67
CA LYS A 121 0.92 26.12 2.95
C LYS A 121 -0.56 26.25 2.59
N ARG A 122 -0.97 25.65 1.47
CA ARG A 122 -2.35 25.77 1.02
C ARG A 122 -3.29 24.95 1.90
N VAL A 123 -2.90 23.73 2.26
CA VAL A 123 -3.70 22.89 3.15
C VAL A 123 -3.88 23.57 4.51
N LYS A 124 -2.83 24.17 5.02
CA LYS A 124 -2.88 24.81 6.33
C LYS A 124 -3.37 26.25 6.27
N ASP A 125 -3.55 26.82 5.08
CA ASP A 125 -3.99 28.21 4.94
C ASP A 125 -3.13 29.17 5.76
N SER A 126 -1.82 29.07 5.56
CA SER A 126 -0.89 29.83 6.38
C SER A 126 0.43 29.89 5.64
N ASP A 127 1.13 31.01 5.77
CA ASP A 127 2.40 31.17 5.09
C ASP A 127 3.59 30.81 5.96
N ASP A 128 3.41 30.66 7.27
CA ASP A 128 4.49 30.10 8.08
C ASP A 128 3.89 28.94 8.86
N VAL A 129 3.96 27.77 8.25
CA VAL A 129 3.67 26.51 8.89
C VAL A 129 4.96 26.03 9.55
N PRO A 130 4.93 25.56 10.79
CA PRO A 130 6.16 24.97 11.37
C PRO A 130 6.64 23.85 10.47
N MET A 131 7.85 23.99 9.94
CA MET A 131 8.41 22.93 9.12
C MET A 131 9.93 23.01 9.08
N VAL A 132 10.51 21.99 8.47
CA VAL A 132 11.91 21.64 8.58
C VAL A 132 12.28 20.94 7.29
N LEU A 133 13.46 21.27 6.76
CA LEU A 133 13.96 20.63 5.55
C LEU A 133 14.99 19.58 5.95
N VAL A 134 14.87 18.38 5.39
CA VAL A 134 15.70 17.26 5.79
C VAL A 134 16.34 16.64 4.57
N GLY A 135 17.68 16.69 4.50
CA GLY A 135 18.45 15.97 3.50
C GLY A 135 18.92 14.64 4.05
N ASN A 136 18.51 13.56 3.40
CA ASN A 136 18.76 12.22 3.90
C ASN A 136 19.81 11.53 3.03
N LYS A 137 20.91 11.12 3.65
CA LYS A 137 21.96 10.37 2.94
C LYS A 137 21.63 8.89 3.12
N CYS A 138 20.93 8.34 2.14
CA CYS A 138 20.26 7.05 2.24
C CYS A 138 21.04 5.94 1.58
N ASP A 139 22.14 6.27 0.92
CA ASP A 139 22.79 5.31 0.06
C ASP A 139 24.30 5.44 0.18
N LEU A 140 24.96 4.42 -0.34
CA LEU A 140 26.33 4.52 -0.80
C LEU A 140 26.45 5.29 -2.11
N ALA A 141 25.33 5.64 -2.75
CA ALA A 141 25.34 6.44 -3.98
C ALA A 141 25.83 7.87 -3.71
N ALA A 142 26.33 8.51 -4.75
CA ALA A 142 27.06 9.75 -4.60
C ALA A 142 26.10 10.93 -4.46
N ARG A 143 26.51 11.87 -3.64
CA ARG A 143 25.74 13.08 -3.40
C ARG A 143 25.60 13.90 -4.69
N THR A 144 24.35 14.30 -5.01
CA THR A 144 24.11 15.23 -6.10
C THR A 144 23.49 16.55 -5.65
N VAL A 145 23.09 16.66 -4.40
CA VAL A 145 22.58 17.91 -3.85
C VAL A 145 23.62 18.37 -2.83
N GLU A 146 24.28 19.48 -3.13
CA GLU A 146 25.27 20.01 -2.21
C GLU A 146 24.58 20.66 -1.01
N SER A 147 25.21 20.52 0.16
CA SER A 147 24.61 21.07 1.37
C SER A 147 24.37 22.57 1.25
N ARG A 148 25.29 23.29 0.57
CA ARG A 148 25.09 24.72 0.34
C ARG A 148 23.74 24.99 -0.36
N GLN A 149 23.46 24.25 -1.44
CA GLN A 149 22.18 24.42 -2.14
C GLN A 149 21.00 24.24 -1.19
N ALA A 150 21.03 23.19 -0.36
CA ALA A 150 19.87 22.92 0.50
C ALA A 150 19.77 23.96 1.62
N GLN A 151 20.91 24.32 2.19
CA GLN A 151 20.97 25.42 3.15
C GLN A 151 20.39 26.71 2.54
N ASP A 152 20.72 26.99 1.28
CA ASP A 152 20.19 28.20 0.62
C ASP A 152 18.68 28.12 0.41
N LEU A 153 18.17 26.96 -0.03
CA LEU A 153 16.72 26.81 -0.16
C LEU A 153 16.05 26.94 1.20
N ALA A 154 16.64 26.37 2.25
CA ALA A 154 16.01 26.47 3.55
C ALA A 154 15.96 27.91 4.03
N ARG A 155 17.01 28.69 3.74
CA ARG A 155 17.03 30.08 4.16
C ARG A 155 15.97 30.87 3.42
N SER A 156 15.84 30.65 2.10
CA SER A 156 14.85 31.39 1.33
C SER A 156 13.43 31.12 1.83
N TYR A 157 13.19 29.94 2.42
CA TYR A 157 11.90 29.58 3.01
C TYR A 157 11.75 30.02 4.46
N GLY A 158 12.84 30.44 5.11
CA GLY A 158 12.81 30.77 6.53
C GLY A 158 12.69 29.58 7.47
N ILE A 159 13.38 28.48 7.19
CA ILE A 159 13.23 27.26 7.98
C ILE A 159 14.57 26.55 8.15
N PRO A 160 14.71 25.73 9.19
CA PRO A 160 15.95 24.97 9.40
C PRO A 160 16.21 23.90 8.33
N TYR A 161 17.48 23.63 8.12
CA TYR A 161 17.94 22.51 7.34
C TYR A 161 18.71 21.54 8.23
N ILE A 162 18.36 20.24 8.15
CA ILE A 162 19.07 19.19 8.88
C ILE A 162 19.45 18.10 7.89
N GLU A 163 20.69 17.65 7.96
CA GLU A 163 21.13 16.48 7.21
C GLU A 163 21.16 15.29 8.16
N THR A 164 20.80 14.12 7.62
CA THR A 164 20.75 12.90 8.42
C THR A 164 21.35 11.76 7.61
N SER A 165 21.80 10.74 8.34
CA SER A 165 22.31 9.52 7.72
C SER A 165 21.37 8.37 8.06
N ALA A 166 20.88 7.68 7.02
CA ALA A 166 20.15 6.43 7.22
C ALA A 166 21.04 5.35 7.84
N LYS A 167 22.30 5.28 7.41
CA LYS A 167 23.19 4.25 7.96
C LYS A 167 23.37 4.41 9.47
N THR A 168 23.70 5.62 9.94
CA THR A 168 24.27 5.78 11.27
C THR A 168 23.36 6.42 12.29
N ARG A 169 22.16 6.88 11.90
CA ARG A 169 21.26 7.60 12.76
C ARG A 169 21.77 9.00 13.10
N GLN A 170 22.90 9.42 12.56
CA GLN A 170 23.33 10.80 12.77
C GLN A 170 22.29 11.75 12.19
N GLY A 171 21.87 12.72 12.99
CA GLY A 171 20.95 13.74 12.53
C GLY A 171 19.48 13.45 12.76
N VAL A 172 19.11 12.18 12.96
CA VAL A 172 17.70 11.81 13.00
C VAL A 172 16.98 12.52 14.13
N GLU A 173 17.53 12.44 15.34
CA GLU A 173 16.94 13.12 16.49
C GLU A 173 16.94 14.63 16.30
N ASP A 174 18.02 15.16 15.76
CA ASP A 174 18.12 16.60 15.55
C ASP A 174 16.98 17.09 14.64
N ALA A 175 16.70 16.37 13.55
CA ALA A 175 15.63 16.77 12.63
C ALA A 175 14.29 16.87 13.35
N PHE A 176 13.96 15.88 14.19
CA PHE A 176 12.64 15.87 14.82
C PHE A 176 12.55 16.88 15.96
N TYR A 177 13.57 16.96 16.80
CA TYR A 177 13.54 17.91 17.89
C TYR A 177 13.49 19.33 17.36
N THR A 178 14.21 19.60 16.28
CA THR A 178 14.15 20.93 15.71
C THR A 178 12.73 21.26 15.28
N LEU A 179 12.03 20.28 14.67
CA LEU A 179 10.65 20.53 14.26
C LEU A 179 9.78 20.87 15.46
N VAL A 180 9.97 20.15 16.57
CA VAL A 180 9.18 20.44 17.75
C VAL A 180 9.49 21.85 18.27
N ARG A 181 10.76 22.26 18.22
CA ARG A 181 11.06 23.61 18.69
C ARG A 181 10.39 24.66 17.80
N GLU A 182 10.36 24.39 16.48
CA GLU A 182 9.64 25.28 15.58
C GLU A 182 8.17 25.41 15.99
N ILE A 183 7.55 24.34 16.45
CA ILE A 183 6.14 24.41 16.86
C ILE A 183 6.00 25.20 18.16
N ARG A 184 6.84 24.88 19.15
CA ARG A 184 6.80 25.60 20.42
C ARG A 184 7.02 27.11 20.24
N GLN A 185 7.90 27.50 19.32
CA GLN A 185 8.26 28.90 19.15
C GLN A 185 7.40 29.63 18.13
N HIS A 186 6.38 28.97 17.59
CA HIS A 186 5.57 29.55 16.52
C HIS A 186 4.78 30.80 16.98
N MET B 25 19.47 -42.13 13.03
CA MET B 25 19.72 -42.44 11.62
C MET B 25 20.94 -41.67 11.07
N ARG B 26 21.55 -42.19 9.99
CA ARG B 26 22.84 -41.70 9.48
C ARG B 26 22.70 -41.14 8.07
N LEU B 27 23.39 -40.01 7.82
CA LEU B 27 23.30 -39.29 6.55
C LEU B 27 24.65 -39.27 5.84
N PRO B 28 24.69 -38.75 4.59
CA PRO B 28 25.99 -38.58 3.91
C PRO B 28 26.83 -37.49 4.54
N SER B 29 28.06 -37.32 4.05
CA SER B 29 28.97 -36.32 4.57
C SER B 29 28.78 -35.00 3.83
N ALA B 30 28.85 -33.90 4.58
CA ALA B 30 28.57 -32.57 4.03
C ALA B 30 29.57 -32.23 2.94
N ASP B 31 30.53 -33.12 2.71
CA ASP B 31 31.50 -32.96 1.65
C ASP B 31 31.05 -33.59 0.33
N VAL B 32 29.84 -34.15 0.28
CA VAL B 32 29.32 -34.75 -0.94
C VAL B 32 27.86 -34.31 -1.12
N TYR B 33 27.24 -33.88 -0.02
CA TYR B 33 25.85 -33.46 0.00
C TYR B 33 25.73 -32.36 1.03
N ARG B 34 25.54 -31.12 0.56
CA ARG B 34 25.64 -29.93 1.41
C ARG B 34 24.48 -29.80 2.40
N PHE B 35 23.35 -30.45 2.14
CA PHE B 35 22.17 -30.33 3.01
C PHE B 35 22.20 -31.29 4.17
N ALA B 36 23.37 -31.89 4.45
CA ALA B 36 23.52 -32.82 5.56
C ALA B 36 24.26 -32.24 6.75
N GLU B 37 25.01 -31.15 6.56
CA GLU B 37 25.62 -30.45 7.68
C GLU B 37 24.56 -30.19 8.76
N PRO B 38 24.89 -30.41 10.03
CA PRO B 38 23.88 -30.26 11.09
C PRO B 38 23.60 -28.82 11.50
N ASP B 39 22.38 -28.61 11.98
CA ASP B 39 21.93 -27.32 12.49
C ASP B 39 22.89 -26.81 13.55
N SER B 40 23.00 -25.49 13.63
CA SER B 40 23.76 -24.82 14.70
C SER B 40 23.35 -23.36 14.77
N GLU B 41 23.97 -22.63 15.69
CA GLU B 41 23.80 -21.19 15.78
C GLU B 41 24.28 -20.48 14.52
N GLU B 42 25.24 -21.05 13.80
CA GLU B 42 25.69 -20.46 12.55
C GLU B 42 24.84 -20.87 11.36
N ASN B 43 23.69 -21.52 11.59
CA ASN B 43 22.97 -22.17 10.50
C ASN B 43 21.50 -21.76 10.46
N ILE B 44 20.82 -21.89 11.59
CA ILE B 44 19.38 -21.71 11.68
C ILE B 44 19.06 -21.19 13.07
N ILE B 45 18.33 -20.09 13.14
CA ILE B 45 17.72 -19.61 14.37
C ILE B 45 16.23 -19.84 14.27
N PHE B 46 15.61 -20.07 15.40
CA PHE B 46 14.16 -20.21 15.45
C PHE B 46 13.57 -19.09 16.28
N GLU B 47 12.31 -18.79 16.01
CA GLU B 47 11.62 -17.80 16.82
C GLU B 47 11.40 -18.35 18.23
N GLU B 48 11.81 -17.58 19.24
CA GLU B 48 11.89 -18.07 20.62
C GLU B 48 10.60 -17.90 21.41
N ASN B 49 9.79 -16.90 21.09
CA ASN B 49 8.60 -16.58 21.89
C ASN B 49 7.31 -16.76 21.08
N MET B 50 7.21 -17.83 20.28
CA MET B 50 5.98 -18.14 19.55
C MET B 50 6.02 -19.56 19.00
N ALA B 54 1.54 -25.14 13.59
CA ALA B 54 0.81 -26.40 13.90
C ALA B 54 1.80 -27.45 14.37
N GLY B 55 2.40 -27.19 15.53
CA GLY B 55 3.42 -28.03 16.10
C GLY B 55 4.82 -27.78 15.59
N ILE B 56 4.97 -27.05 14.48
CA ILE B 56 6.25 -26.84 13.82
C ILE B 56 6.97 -25.58 14.33
N PRO B 57 8.28 -25.63 14.49
CA PRO B 57 9.02 -24.42 14.90
C PRO B 57 9.05 -23.40 13.79
N ILE B 58 8.99 -22.13 14.17
CA ILE B 58 9.02 -21.03 13.23
C ILE B 58 10.46 -20.62 12.98
N ILE B 59 10.94 -20.82 11.75
CA ILE B 59 12.30 -20.44 11.40
C ILE B 59 12.44 -18.92 11.42
N LYS B 60 13.42 -18.43 12.18
CA LYS B 60 13.73 -17.00 12.22
C LYS B 60 14.74 -16.58 11.15
N ALA B 61 15.85 -17.33 11.02
CA ALA B 61 16.88 -16.99 10.04
C ALA B 61 17.74 -18.23 9.78
N GLY B 62 18.34 -18.26 8.60
CA GLY B 62 19.25 -19.35 8.30
C GLY B 62 19.93 -19.09 6.97
N THR B 63 21.00 -19.86 6.73
CA THR B 63 21.63 -19.80 5.43
C THR B 63 20.66 -20.30 4.37
N VAL B 64 21.01 -20.08 3.10
CA VAL B 64 20.09 -20.50 2.05
C VAL B 64 20.01 -22.02 1.99
N ILE B 65 21.15 -22.69 2.20
CA ILE B 65 21.18 -24.16 2.31
C ILE B 65 20.17 -24.62 3.35
N LYS B 66 20.32 -24.14 4.59
CA LYS B 66 19.39 -24.51 5.65
C LYS B 66 17.95 -24.17 5.28
N LEU B 67 17.73 -23.06 4.57
CA LEU B 67 16.36 -22.75 4.20
C LEU B 67 15.85 -23.77 3.18
N ILE B 68 16.67 -24.13 2.20
CA ILE B 68 16.27 -25.16 1.25
C ILE B 68 16.01 -26.48 1.95
N GLU B 69 16.84 -26.81 2.94
CA GLU B 69 16.66 -28.06 3.67
C GLU B 69 15.29 -28.11 4.34
N ARG B 70 14.94 -27.10 5.15
CA ARG B 70 13.66 -27.12 5.83
C ARG B 70 12.47 -26.91 4.89
N LEU B 71 12.71 -26.36 3.71
CA LEU B 71 11.67 -26.27 2.71
C LEU B 71 11.31 -27.65 2.16
N THR B 72 12.24 -28.58 2.24
CA THR B 72 12.07 -29.94 1.77
C THR B 72 12.42 -30.92 2.89
N TYR B 73 11.88 -30.69 4.09
CA TYR B 73 12.31 -31.42 5.27
C TYR B 73 11.79 -32.85 5.25
N HIS B 74 12.64 -33.79 5.68
CA HIS B 74 12.26 -35.20 5.61
C HIS B 74 11.35 -35.61 6.77
N MET B 75 11.46 -34.94 7.92
CA MET B 75 10.66 -35.35 9.08
C MET B 75 9.18 -35.00 8.93
N TYR B 76 8.87 -33.84 8.34
CA TYR B 76 7.48 -33.45 8.14
C TYR B 76 7.39 -32.51 6.95
N ALA B 77 6.19 -32.43 6.39
CA ALA B 77 5.89 -31.41 5.40
C ALA B 77 5.55 -30.11 6.11
N ASP B 78 5.84 -28.98 5.45
CA ASP B 78 5.63 -27.65 6.03
C ASP B 78 4.96 -26.72 5.01
N PRO B 79 3.67 -26.95 4.74
CA PRO B 79 2.99 -26.13 3.72
C PRO B 79 3.11 -24.63 3.92
N ASN B 80 3.12 -24.15 5.16
CA ASN B 80 3.15 -22.70 5.34
C ASN B 80 4.52 -22.15 5.05
N PHE B 81 5.56 -22.90 5.40
CA PHE B 81 6.89 -22.45 5.05
C PHE B 81 7.07 -22.43 3.53
N VAL B 82 6.50 -23.43 2.83
CA VAL B 82 6.63 -23.47 1.38
C VAL B 82 5.92 -22.28 0.74
N ARG B 83 4.72 -21.94 1.24
CA ARG B 83 3.97 -20.79 0.73
C ARG B 83 4.74 -19.49 0.98
N THR B 84 5.09 -19.24 2.23
CA THR B 84 5.86 -18.05 2.57
C THR B 84 7.12 -17.97 1.72
N PHE B 85 7.84 -19.09 1.59
CA PHE B 85 9.12 -19.09 0.88
C PHE B 85 8.95 -18.69 -0.58
N LEU B 86 8.03 -19.36 -1.29
CA LEU B 86 7.94 -19.15 -2.73
C LEU B 86 7.39 -17.77 -3.06
N THR B 87 6.68 -17.16 -2.12
CA THR B 87 6.18 -15.80 -2.28
C THR B 87 7.29 -14.76 -2.13
N THR B 88 8.34 -15.05 -1.37
CA THR B 88 9.24 -14.00 -0.93
C THR B 88 10.72 -14.29 -1.19
N TYR B 89 11.08 -15.37 -1.88
CA TYR B 89 12.50 -15.74 -1.91
C TYR B 89 13.33 -14.85 -2.84
N ARG B 90 12.73 -14.17 -3.82
CA ARG B 90 13.53 -13.55 -4.87
C ARG B 90 14.43 -12.43 -4.35
N SER B 91 14.17 -11.91 -3.15
CA SER B 91 15.05 -10.90 -2.58
C SER B 91 16.38 -11.48 -2.13
N PHE B 92 16.42 -12.75 -1.69
CA PHE B 92 17.68 -13.35 -1.27
C PHE B 92 18.21 -14.45 -2.18
N CYS B 93 17.42 -14.89 -3.17
CA CYS B 93 17.87 -15.98 -4.04
C CYS B 93 17.22 -15.83 -5.41
N LYS B 94 18.03 -15.95 -6.45
CA LYS B 94 17.47 -15.82 -7.78
C LYS B 94 16.74 -17.11 -8.20
N PRO B 95 15.70 -16.98 -9.04
CA PRO B 95 15.00 -18.18 -9.54
C PRO B 95 15.91 -19.25 -10.11
N GLN B 96 16.89 -18.89 -10.95
CA GLN B 96 17.81 -19.90 -11.47
C GLN B 96 18.56 -20.59 -10.35
N GLU B 97 18.94 -19.83 -9.32
CA GLU B 97 19.67 -20.42 -8.20
C GLU B 97 18.77 -21.34 -7.39
N LEU B 98 17.51 -20.95 -7.14
CA LEU B 98 16.60 -21.82 -6.41
C LEU B 98 16.42 -23.15 -7.12
N LEU B 99 16.24 -23.12 -8.44
CA LEU B 99 16.04 -24.36 -9.19
C LEU B 99 17.27 -25.25 -9.10
N SER B 100 18.46 -24.66 -9.22
CA SER B 100 19.69 -25.42 -9.02
C SER B 100 19.75 -26.02 -7.62
N LEU B 101 19.42 -25.24 -6.60
CA LEU B 101 19.51 -25.75 -5.24
C LEU B 101 18.53 -26.89 -5.00
N ILE B 102 17.31 -26.81 -5.53
CA ILE B 102 16.39 -27.91 -5.22
C ILE B 102 16.77 -29.14 -6.03
N ILE B 103 17.37 -28.96 -7.21
CA ILE B 103 17.91 -30.11 -7.93
C ILE B 103 19.04 -30.74 -7.14
N GLU B 104 19.90 -29.91 -6.53
CA GLU B 104 20.99 -30.43 -5.73
C GLU B 104 20.47 -31.14 -4.47
N ARG B 105 19.40 -30.62 -3.87
CA ARG B 105 18.77 -31.31 -2.74
C ARG B 105 18.19 -32.65 -3.16
N PHE B 106 17.69 -32.74 -4.40
CA PHE B 106 17.04 -33.96 -4.87
C PHE B 106 18.04 -35.09 -5.05
N GLU B 107 19.20 -34.79 -5.64
CA GLU B 107 20.19 -35.82 -5.99
C GLU B 107 20.99 -36.17 -4.75
N ILE B 108 20.47 -37.12 -3.98
CA ILE B 108 21.05 -37.55 -2.71
C ILE B 108 21.99 -38.71 -2.98
N PRO B 109 23.23 -38.68 -2.49
CA PRO B 109 24.08 -39.87 -2.51
C PRO B 109 23.86 -40.71 -1.25
N GLU B 110 24.22 -41.99 -1.35
CA GLU B 110 24.12 -42.90 -0.22
C GLU B 110 25.31 -42.73 0.72
N PRO B 111 25.18 -43.18 1.98
CA PRO B 111 26.38 -43.24 2.83
C PRO B 111 27.26 -44.47 2.49
N ALA B 130 19.58 -52.83 4.62
CA ALA B 130 19.66 -52.70 6.08
C ALA B 130 19.51 -51.24 6.56
N GLU B 131 20.64 -50.65 6.94
CA GLU B 131 20.70 -49.22 7.20
C GLU B 131 20.26 -48.43 5.97
N LEU B 132 20.74 -48.83 4.79
CA LEU B 132 20.33 -48.18 3.55
C LEU B 132 18.82 -48.26 3.38
N LYS B 133 18.26 -49.46 3.53
CA LYS B 133 16.82 -49.63 3.32
C LYS B 133 15.99 -48.62 4.12
N ARG B 134 16.40 -48.32 5.35
CA ARG B 134 15.66 -47.28 6.11
C ARG B 134 15.97 -45.91 5.52
N PHE B 135 17.25 -45.65 5.25
CA PHE B 135 17.64 -44.37 4.65
C PHE B 135 16.80 -44.07 3.41
N ARG B 136 16.72 -45.02 2.47
CA ARG B 136 15.90 -44.83 1.28
C ARG B 136 14.47 -44.44 1.64
N LYS B 137 13.92 -45.07 2.68
CA LYS B 137 12.50 -44.92 2.97
C LYS B 137 12.20 -43.72 3.86
N GLU B 138 13.15 -43.29 4.69
CA GLU B 138 12.91 -42.19 5.63
C GLU B 138 13.73 -40.93 5.32
N TYR B 139 14.61 -40.97 4.32
CA TYR B 139 15.29 -39.76 3.85
C TYR B 139 15.03 -39.54 2.38
N ILE B 140 15.68 -40.29 1.47
CA ILE B 140 15.55 -40.00 0.05
C ILE B 140 14.09 -39.87 -0.36
N GLN B 141 13.26 -40.86 -0.02
CA GLN B 141 11.86 -40.85 -0.46
C GLN B 141 11.13 -39.59 -0.04
N PRO B 142 10.95 -39.30 1.24
CA PRO B 142 10.22 -38.08 1.60
C PRO B 142 10.92 -36.81 1.12
N VAL B 143 12.25 -36.72 1.22
CA VAL B 143 12.94 -35.50 0.76
C VAL B 143 12.64 -35.27 -0.71
N GLN B 144 12.64 -36.31 -1.53
CA GLN B 144 12.39 -36.13 -2.95
C GLN B 144 10.93 -35.79 -3.23
N LEU B 145 10.00 -36.42 -2.54
CA LEU B 145 8.60 -36.03 -2.65
C LEU B 145 8.42 -34.54 -2.34
N ARG B 146 9.16 -34.04 -1.33
CA ARG B 146 9.03 -32.63 -0.97
C ARG B 146 9.57 -31.72 -2.08
N VAL B 147 10.70 -32.08 -2.68
CA VAL B 147 11.19 -31.32 -3.83
C VAL B 147 10.11 -31.22 -4.89
N LEU B 148 9.47 -32.36 -5.22
CA LEU B 148 8.46 -32.33 -6.27
C LEU B 148 7.27 -31.49 -5.84
N ASN B 149 6.95 -31.52 -4.55
CA ASN B 149 5.91 -30.65 -4.04
C ASN B 149 6.27 -29.18 -4.22
N VAL B 150 7.54 -28.83 -3.99
CA VAL B 150 7.96 -27.44 -4.18
C VAL B 150 7.81 -27.04 -5.65
N CYS B 151 8.26 -27.90 -6.56
CA CYS B 151 8.12 -27.62 -7.99
C CYS B 151 6.65 -27.45 -8.38
N ARG B 152 5.79 -28.36 -7.89
CA ARG B 152 4.37 -28.27 -8.17
C ARG B 152 3.82 -26.91 -7.74
N HIS B 153 4.11 -26.53 -6.49
CA HIS B 153 3.60 -25.25 -5.99
C HIS B 153 4.20 -24.08 -6.77
N TRP B 154 5.48 -24.18 -7.12
CA TRP B 154 6.15 -23.12 -7.87
C TRP B 154 5.47 -22.88 -9.21
N VAL B 155 5.33 -23.94 -10.00
CA VAL B 155 4.69 -23.84 -11.33
C VAL B 155 3.23 -23.41 -11.20
N GLU B 156 2.55 -23.84 -10.14
CA GLU B 156 1.13 -23.57 -9.98
C GLU B 156 0.85 -22.10 -9.59
N HIS B 157 1.53 -21.59 -8.57
CA HIS B 157 1.17 -20.31 -8.00
C HIS B 157 2.14 -19.18 -8.30
N HIS B 158 3.29 -19.46 -8.90
CA HIS B 158 4.28 -18.44 -9.24
C HIS B 158 4.84 -18.70 -10.63
N PHE B 159 3.93 -18.97 -11.58
CA PHE B 159 4.39 -19.30 -12.93
C PHE B 159 5.05 -18.13 -13.63
N TYR B 160 4.90 -16.90 -13.11
CA TYR B 160 5.50 -15.75 -13.75
C TYR B 160 7.03 -15.82 -13.77
N ASP B 161 7.63 -16.50 -12.78
CA ASP B 161 9.06 -16.81 -12.86
C ASP B 161 9.41 -17.50 -14.18
N PHE B 162 8.56 -18.42 -14.64
CA PHE B 162 8.84 -19.16 -15.85
C PHE B 162 8.43 -18.39 -17.11
N GLU B 163 7.39 -17.54 -17.03
CA GLU B 163 7.05 -16.71 -18.19
C GLU B 163 8.13 -15.67 -18.47
N ARG B 164 8.84 -15.21 -17.45
CA ARG B 164 9.84 -14.16 -17.65
C ARG B 164 11.24 -14.69 -17.88
N ASP B 165 11.43 -16.01 -17.85
CA ASP B 165 12.72 -16.67 -18.13
C ASP B 165 12.41 -18.01 -18.78
N ALA B 166 12.43 -18.06 -20.12
CA ALA B 166 12.12 -19.29 -20.83
C ALA B 166 13.12 -20.40 -20.49
N TYR B 167 14.39 -20.05 -20.28
CA TYR B 167 15.41 -21.03 -19.93
C TYR B 167 15.14 -21.64 -18.56
N LEU B 168 14.54 -20.87 -17.64
CA LEU B 168 14.10 -21.46 -16.38
C LEU B 168 13.08 -22.55 -16.62
N LEU B 169 12.14 -22.32 -17.54
CA LEU B 169 11.16 -23.37 -17.82
C LEU B 169 11.81 -24.57 -18.50
N GLN B 170 12.82 -24.34 -19.34
CA GLN B 170 13.55 -25.45 -19.94
C GLN B 170 14.22 -26.31 -18.87
N ARG B 171 15.01 -25.70 -17.99
CA ARG B 171 15.68 -26.48 -16.96
C ARG B 171 14.69 -27.26 -16.12
N MET B 172 13.52 -26.66 -15.83
CA MET B 172 12.52 -27.38 -15.05
C MET B 172 12.03 -28.61 -15.79
N GLU B 173 11.64 -28.46 -17.06
CA GLU B 173 11.19 -29.60 -17.83
C GLU B 173 12.28 -30.68 -17.95
N GLU B 174 13.53 -30.27 -18.22
CA GLU B 174 14.61 -31.25 -18.21
C GLU B 174 14.63 -32.02 -16.90
N PHE B 175 14.69 -31.30 -15.78
CA PHE B 175 14.78 -31.95 -14.48
C PHE B 175 13.63 -32.94 -14.28
N ILE B 176 12.39 -32.46 -14.44
CA ILE B 176 11.23 -33.34 -14.30
C ILE B 176 11.36 -34.55 -15.21
N GLY B 177 11.94 -34.36 -16.40
CA GLY B 177 12.11 -35.47 -17.32
C GLY B 177 13.04 -36.56 -16.82
N THR B 178 14.10 -36.18 -16.09
CA THR B 178 15.05 -37.14 -15.56
C THR B 178 14.54 -37.89 -14.34
N VAL B 179 13.46 -37.43 -13.71
CA VAL B 179 12.92 -38.10 -12.53
C VAL B 179 12.32 -39.43 -12.96
N ARG B 180 12.88 -40.53 -12.45
CA ARG B 180 12.42 -41.87 -12.84
C ARG B 180 12.27 -42.72 -11.57
N GLY B 181 11.06 -42.73 -11.02
CA GLY B 181 10.71 -43.63 -9.93
C GLY B 181 9.26 -44.04 -10.06
N LYS B 182 8.77 -44.80 -9.08
CA LYS B 182 7.36 -45.15 -9.07
C LYS B 182 6.56 -44.34 -8.06
N ALA B 183 7.11 -44.09 -6.87
CA ALA B 183 6.47 -43.13 -5.98
C ALA B 183 6.45 -41.74 -6.61
N MET B 184 7.30 -41.49 -7.60
CA MET B 184 7.41 -40.19 -8.26
C MET B 184 6.38 -40.02 -9.37
N LYS B 185 6.10 -41.10 -10.12
CA LYS B 185 5.34 -41.05 -11.37
C LYS B 185 4.11 -40.15 -11.27
N LYS B 186 3.35 -40.25 -10.18
CA LYS B 186 2.12 -39.46 -10.11
C LYS B 186 2.42 -37.97 -9.94
N TRP B 187 3.54 -37.64 -9.29
CA TRP B 187 3.92 -36.24 -9.12
C TRP B 187 4.50 -35.68 -10.41
N VAL B 188 5.33 -36.46 -11.09
CA VAL B 188 5.91 -36.05 -12.37
C VAL B 188 4.81 -35.76 -13.38
N GLU B 189 3.75 -36.57 -13.41
CA GLU B 189 2.68 -36.31 -14.37
C GLU B 189 1.86 -35.10 -13.98
N SER B 190 1.69 -34.88 -12.67
CA SER B 190 0.86 -33.76 -12.23
C SER B 190 1.53 -32.43 -12.53
N ILE B 191 2.84 -32.34 -12.29
CA ILE B 191 3.59 -31.14 -12.62
C ILE B 191 3.53 -30.85 -14.10
N THR B 192 3.65 -31.90 -14.93
CA THR B 192 3.66 -31.74 -16.37
C THR B 192 2.30 -31.30 -16.90
N LYS B 193 1.22 -31.77 -16.27
CA LYS B 193 -0.10 -31.25 -16.64
C LYS B 193 -0.17 -29.76 -16.35
N ILE B 194 0.22 -29.34 -15.13
CA ILE B 194 0.19 -27.93 -14.77
C ILE B 194 0.99 -27.10 -15.76
N ILE B 195 2.24 -27.49 -16.00
CA ILE B 195 3.09 -26.72 -16.92
C ILE B 195 2.37 -26.55 -18.24
N GLN B 196 1.86 -27.65 -18.79
CA GLN B 196 1.15 -27.58 -20.06
C GLN B 196 -0.03 -26.63 -20.00
N ARG B 197 -0.77 -26.60 -18.89
CA ARG B 197 -1.91 -25.71 -18.85
C ARG B 197 -1.47 -24.25 -18.80
N LYS B 198 -0.42 -23.95 -18.02
CA LYS B 198 0.05 -22.57 -17.90
C LYS B 198 0.55 -22.03 -19.23
N LYS B 199 0.92 -22.89 -20.18
CA LYS B 199 1.33 -22.45 -21.50
C LYS B 199 0.11 -22.30 -22.42
N ILE B 200 -0.77 -21.37 -22.07
CA ILE B 200 -1.99 -21.07 -22.85
C ILE B 200 -2.68 -19.80 -22.34
N PHE B 212 -23.76 -16.31 -9.94
CA PHE B 212 -23.85 -16.35 -8.48
C PHE B 212 -24.86 -17.39 -7.99
N GLN B 213 -24.93 -17.56 -6.67
CA GLN B 213 -25.99 -18.35 -6.05
C GLN B 213 -27.35 -17.72 -6.30
N SER B 214 -27.60 -16.56 -5.69
CA SER B 214 -28.87 -15.83 -5.78
C SER B 214 -28.83 -14.77 -6.88
N SER B 215 -30.02 -14.15 -7.15
CA SER B 215 -29.95 -13.17 -8.23
C SER B 215 -29.66 -11.78 -7.69
N PRO B 216 -29.05 -10.92 -8.49
CA PRO B 216 -28.66 -9.60 -8.02
C PRO B 216 -29.82 -8.62 -8.11
N PRO B 217 -29.79 -7.57 -7.29
CA PRO B 217 -30.85 -6.55 -7.33
C PRO B 217 -31.03 -5.93 -8.71
N THR B 218 -32.22 -5.38 -8.91
CA THR B 218 -32.52 -4.67 -10.15
C THR B 218 -31.63 -3.43 -10.27
N VAL B 219 -31.15 -3.20 -11.49
CA VAL B 219 -30.36 -2.00 -11.77
C VAL B 219 -31.23 -0.76 -11.63
N GLU B 220 -30.69 0.29 -11.01
CA GLU B 220 -31.45 1.50 -10.71
C GLU B 220 -31.14 2.61 -11.72
N TRP B 221 -32.19 3.30 -12.17
CA TRP B 221 -32.10 4.43 -13.09
C TRP B 221 -32.79 5.66 -12.49
N HIS B 222 -32.24 6.83 -12.79
CA HIS B 222 -32.81 8.06 -12.27
C HIS B 222 -33.29 8.91 -13.45
N ILE B 223 -32.59 10.01 -13.74
CA ILE B 223 -33.01 10.89 -14.82
C ILE B 223 -32.54 10.35 -16.17
N SER B 224 -31.32 9.83 -16.25
CA SER B 224 -30.86 9.25 -17.51
C SER B 224 -31.55 7.92 -17.77
N ARG B 225 -31.92 7.71 -19.01
CA ARG B 225 -32.60 6.50 -19.40
C ARG B 225 -31.60 5.48 -19.94
N PRO B 226 -31.88 4.19 -19.79
CA PRO B 226 -30.96 3.16 -20.31
C PRO B 226 -30.62 3.40 -21.79
N GLY B 227 -29.33 3.44 -22.09
CA GLY B 227 -28.84 3.67 -23.43
C GLY B 227 -28.51 5.12 -23.76
N HIS B 228 -28.98 6.08 -22.97
CA HIS B 228 -28.72 7.51 -23.21
C HIS B 228 -27.36 7.92 -22.62
N ILE B 229 -26.33 7.20 -23.06
CA ILE B 229 -24.93 7.42 -22.73
C ILE B 229 -24.60 8.91 -22.62
N GLU B 230 -25.13 9.70 -23.56
CA GLU B 230 -24.73 11.10 -23.71
C GLU B 230 -25.18 11.97 -22.56
N THR B 231 -26.20 11.54 -21.80
CA THR B 231 -26.70 12.31 -20.66
C THR B 231 -26.14 11.83 -19.32
N PHE B 232 -25.36 10.75 -19.29
CA PHE B 232 -24.80 10.26 -18.03
C PHE B 232 -23.99 11.36 -17.35
N ASP B 233 -24.30 11.61 -16.07
CA ASP B 233 -23.51 12.51 -15.24
C ASP B 233 -23.75 12.16 -13.77
N LEU B 234 -23.11 12.93 -12.89
CA LEU B 234 -23.17 12.65 -11.46
C LEU B 234 -24.59 12.77 -10.91
N LEU B 235 -25.36 13.74 -11.39
CA LEU B 235 -26.69 13.95 -10.84
C LEU B 235 -27.78 13.22 -11.61
N THR B 236 -27.51 12.79 -12.85
CA THR B 236 -28.55 12.16 -13.67
C THR B 236 -28.57 10.64 -13.56
N LEU B 237 -27.44 10.01 -13.23
CA LEU B 237 -27.47 8.57 -12.95
C LEU B 237 -28.00 8.34 -11.53
N HIS B 238 -28.44 7.14 -11.28
CA HIS B 238 -28.97 6.91 -9.94
C HIS B 238 -27.82 6.77 -8.95
N PRO B 239 -27.83 7.51 -7.84
CA PRO B 239 -26.75 7.36 -6.86
C PRO B 239 -26.49 5.91 -6.43
N ILE B 240 -27.54 5.11 -6.21
CA ILE B 240 -27.30 3.72 -5.82
C ILE B 240 -26.47 2.99 -6.89
N GLU B 241 -26.73 3.30 -8.17
CA GLU B 241 -26.09 2.54 -9.24
C GLU B 241 -24.69 3.05 -9.52
N ILE B 242 -24.47 4.36 -9.34
CA ILE B 242 -23.10 4.88 -9.37
C ILE B 242 -22.23 4.10 -8.38
N ALA B 243 -22.65 4.09 -7.10
CA ALA B 243 -21.94 3.34 -6.09
C ALA B 243 -21.76 1.88 -6.48
N ARG B 244 -22.81 1.23 -7.01
CA ARG B 244 -22.71 -0.20 -7.34
C ARG B 244 -21.71 -0.43 -8.46
N GLN B 245 -21.85 0.31 -9.57
CA GLN B 245 -20.94 0.13 -10.70
C GLN B 245 -19.51 0.55 -10.35
N LEU B 246 -19.33 1.61 -9.56
CA LEU B 246 -17.97 1.90 -9.11
C LEU B 246 -17.44 0.79 -8.20
N THR B 247 -18.32 0.15 -7.42
CA THR B 247 -17.85 -0.94 -6.56
C THR B 247 -17.44 -2.15 -7.39
N LEU B 248 -18.14 -2.44 -8.49
CA LEU B 248 -17.75 -3.54 -9.36
C LEU B 248 -16.38 -3.27 -10.00
N LEU B 249 -16.21 -2.06 -10.56
CA LEU B 249 -14.91 -1.67 -11.11
C LEU B 249 -13.80 -1.79 -10.08
N GLU B 250 -14.02 -1.21 -8.91
CA GLU B 250 -12.94 -1.14 -7.92
C GLU B 250 -12.66 -2.52 -7.35
N SER B 251 -13.68 -3.37 -7.26
CA SER B 251 -13.46 -4.75 -6.81
C SER B 251 -12.58 -5.52 -7.80
N ASP B 252 -12.86 -5.39 -9.10
CA ASP B 252 -12.02 -6.08 -10.10
C ASP B 252 -10.61 -5.54 -10.09
N LEU B 253 -10.44 -4.23 -9.89
CA LEU B 253 -9.11 -3.66 -9.84
C LEU B 253 -8.35 -4.18 -8.62
N TYR B 254 -9.03 -4.28 -7.49
CA TYR B 254 -8.42 -4.83 -6.29
C TYR B 254 -8.04 -6.30 -6.48
N ARG B 255 -8.91 -7.07 -7.14
CA ARG B 255 -8.70 -8.51 -7.24
C ARG B 255 -7.58 -8.88 -8.23
N ALA B 256 -7.20 -7.97 -9.11
CA ALA B 256 -6.21 -8.27 -10.12
C ALA B 256 -4.77 -8.08 -9.64
N VAL B 257 -4.58 -7.42 -8.49
CA VAL B 257 -3.24 -7.13 -8.00
C VAL B 257 -2.62 -8.41 -7.45
N GLN B 258 -1.44 -8.75 -7.96
CA GLN B 258 -0.77 -9.96 -7.57
C GLN B 258 0.31 -9.68 -6.53
N PRO B 259 0.67 -10.67 -5.73
CA PRO B 259 1.79 -10.46 -4.82
C PRO B 259 3.09 -10.12 -5.54
N SER B 260 3.28 -10.59 -6.78
CA SER B 260 4.48 -10.24 -7.52
C SER B 260 4.62 -8.74 -7.73
N GLU B 261 3.52 -7.99 -7.59
CA GLU B 261 3.59 -6.55 -7.74
C GLU B 261 3.88 -5.84 -6.43
N LEU B 262 3.98 -6.58 -5.32
CA LEU B 262 4.09 -6.03 -3.98
C LEU B 262 5.37 -6.45 -3.28
N VAL B 263 5.72 -7.73 -3.32
CA VAL B 263 6.93 -8.17 -2.63
C VAL B 263 8.11 -7.43 -3.22
N GLY B 264 9.06 -7.04 -2.36
CA GLY B 264 10.19 -6.24 -2.77
C GLY B 264 9.92 -4.76 -2.94
N SER B 265 8.75 -4.27 -2.49
CA SER B 265 8.40 -2.85 -2.58
C SER B 265 8.50 -2.33 -4.01
N VAL B 266 8.18 -3.20 -4.96
CA VAL B 266 8.64 -2.99 -6.33
C VAL B 266 7.84 -1.90 -7.03
N TRP B 267 6.66 -1.54 -6.50
CA TRP B 267 5.83 -0.46 -7.03
C TRP B 267 6.36 0.94 -6.72
N THR B 268 7.43 1.06 -5.92
CA THR B 268 8.05 2.32 -5.54
C THR B 268 9.33 2.58 -6.32
N LYS B 269 9.79 1.62 -7.13
CA LYS B 269 11.07 1.69 -7.81
C LYS B 269 10.91 2.05 -9.28
N GLU B 270 12.04 2.26 -9.95
CA GLU B 270 12.00 2.89 -11.26
C GLU B 270 11.32 2.03 -12.32
N ASP B 271 11.18 0.71 -12.09
CA ASP B 271 10.47 -0.15 -13.03
C ASP B 271 9.03 -0.40 -12.59
N LYS B 272 8.49 0.42 -11.70
CA LYS B 272 7.15 0.18 -11.18
C LYS B 272 6.13 -0.02 -12.29
N GLU B 273 6.21 0.79 -13.36
CA GLU B 273 5.26 0.64 -14.47
C GLU B 273 5.34 -0.76 -15.08
N ILE B 274 6.50 -1.41 -15.01
CA ILE B 274 6.65 -2.75 -15.56
C ILE B 274 6.22 -3.81 -14.54
N ASN B 275 6.53 -3.58 -13.27
CA ASN B 275 6.36 -4.63 -12.28
C ASN B 275 5.05 -4.55 -11.48
N SER B 276 4.40 -3.38 -11.46
CA SER B 276 3.16 -3.27 -10.68
C SER B 276 2.04 -2.65 -11.51
N PRO B 277 1.85 -3.10 -12.75
CA PRO B 277 0.86 -2.44 -13.62
C PRO B 277 -0.56 -2.45 -13.09
N ASN B 278 -1.00 -3.56 -12.47
CA ASN B 278 -2.37 -3.62 -11.96
C ASN B 278 -2.55 -2.76 -10.71
N LEU B 279 -1.56 -2.79 -9.79
CA LEU B 279 -1.66 -1.94 -8.61
C LEU B 279 -1.77 -0.47 -9.02
N LEU B 280 -0.87 -0.02 -9.91
CA LEU B 280 -0.89 1.37 -10.37
C LEU B 280 -2.19 1.73 -11.06
N LYS B 281 -2.70 0.84 -11.91
CA LYS B 281 -3.97 1.11 -12.58
C LYS B 281 -5.07 1.30 -11.53
N MET B 282 -5.03 0.48 -10.47
CA MET B 282 -6.04 0.57 -9.42
C MET B 282 -5.95 1.91 -8.70
N ILE B 283 -4.74 2.30 -8.28
CA ILE B 283 -4.53 3.57 -7.60
C ILE B 283 -4.95 4.73 -8.49
N ARG B 284 -4.59 4.67 -9.77
CA ARG B 284 -4.91 5.78 -10.65
C ARG B 284 -6.42 5.91 -10.83
N HIS B 285 -7.15 4.80 -10.82
CA HIS B 285 -8.61 4.87 -10.81
C HIS B 285 -9.08 5.62 -9.57
N THR B 286 -8.65 5.17 -8.39
CA THR B 286 -9.07 5.85 -7.16
C THR B 286 -8.79 7.35 -7.26
N THR B 287 -7.56 7.71 -7.62
CA THR B 287 -7.19 9.12 -7.74
C THR B 287 -8.12 9.85 -8.69
N ASN B 288 -8.42 9.23 -9.83
CA ASN B 288 -9.30 9.83 -10.81
C ASN B 288 -10.68 10.14 -10.23
N LEU B 289 -11.25 9.21 -9.47
CA LEU B 289 -12.58 9.45 -8.92
C LEU B 289 -12.55 10.57 -7.90
N THR B 290 -11.49 10.61 -7.07
CA THR B 290 -11.36 11.72 -6.14
C THR B 290 -11.36 13.05 -6.88
N LEU B 291 -10.49 13.18 -7.88
CA LEU B 291 -10.42 14.41 -8.65
C LEU B 291 -11.73 14.70 -9.39
N TRP B 292 -12.39 13.66 -9.89
CA TRP B 292 -13.68 13.89 -10.53
C TRP B 292 -14.71 14.46 -9.55
N PHE B 293 -14.74 13.96 -8.31
CA PHE B 293 -15.65 14.50 -7.31
C PHE B 293 -15.33 15.95 -7.00
N GLU B 294 -14.04 16.27 -6.84
CA GLU B 294 -13.66 17.65 -6.56
C GLU B 294 -14.10 18.57 -7.69
N LYS B 295 -13.91 18.12 -8.93
CA LYS B 295 -14.23 18.92 -10.10
C LYS B 295 -15.74 19.14 -10.22
N CYS B 296 -16.55 18.10 -9.98
CA CYS B 296 -18.00 18.27 -10.03
C CYS B 296 -18.44 19.35 -9.04
N ILE B 297 -17.79 19.40 -7.87
CA ILE B 297 -18.17 20.37 -6.85
C ILE B 297 -17.81 21.79 -7.28
N VAL B 298 -16.50 22.04 -7.50
CA VAL B 298 -16.06 23.42 -7.70
C VAL B 298 -16.43 23.96 -9.08
N GLU B 299 -16.74 23.12 -10.06
CA GLU B 299 -17.27 23.62 -11.32
C GLU B 299 -18.77 23.88 -11.28
N THR B 300 -19.44 23.54 -10.18
CA THR B 300 -20.84 23.89 -9.96
C THR B 300 -20.87 25.20 -9.20
N GLU B 301 -20.98 26.32 -9.92
CA GLU B 301 -20.72 27.60 -9.27
C GLU B 301 -21.95 28.12 -8.52
N ASN B 302 -23.15 27.75 -8.95
CA ASN B 302 -24.34 28.10 -8.19
C ASN B 302 -24.33 27.39 -6.84
N LEU B 303 -24.59 28.15 -5.78
CA LEU B 303 -24.52 27.60 -4.43
C LEU B 303 -25.55 26.48 -4.23
N GLU B 304 -26.82 26.75 -4.53
CA GLU B 304 -27.86 25.73 -4.39
C GLU B 304 -27.53 24.45 -5.19
N GLU B 305 -27.08 24.61 -6.44
CA GLU B 305 -26.70 23.43 -7.19
C GLU B 305 -25.51 22.73 -6.55
N ARG B 306 -24.54 23.49 -6.01
CA ARG B 306 -23.37 22.85 -5.44
C ARG B 306 -23.72 22.04 -4.19
N VAL B 307 -24.67 22.56 -3.38
CA VAL B 307 -25.18 21.79 -2.25
C VAL B 307 -25.81 20.49 -2.73
N ALA B 308 -26.54 20.54 -3.85
CA ALA B 308 -27.09 19.30 -4.40
C ALA B 308 -25.99 18.33 -4.83
N VAL B 309 -24.91 18.85 -5.41
CA VAL B 309 -23.80 17.99 -5.83
C VAL B 309 -23.14 17.35 -4.62
N VAL B 310 -22.76 18.17 -3.63
CA VAL B 310 -22.06 17.63 -2.46
C VAL B 310 -22.95 16.63 -1.74
N SER B 311 -24.23 16.94 -1.65
CA SER B 311 -25.19 16.06 -1.00
C SER B 311 -25.29 14.71 -1.74
N ARG B 312 -25.35 14.73 -3.08
CA ARG B 312 -25.44 13.47 -3.82
C ARG B 312 -24.20 12.61 -3.63
N ILE B 313 -23.01 13.22 -3.67
CA ILE B 313 -21.78 12.49 -3.42
C ILE B 313 -21.84 11.81 -2.05
N ILE B 314 -22.37 12.52 -1.03
CA ILE B 314 -22.47 11.90 0.29
C ILE B 314 -23.45 10.73 0.27
N GLU B 315 -24.49 10.78 -0.58
CA GLU B 315 -25.35 9.60 -0.72
C GLU B 315 -24.60 8.45 -1.38
N ILE B 316 -23.71 8.76 -2.33
CA ILE B 316 -22.89 7.71 -2.92
C ILE B 316 -21.99 7.09 -1.85
N LEU B 317 -21.45 7.92 -0.97
CA LEU B 317 -20.64 7.41 0.12
C LEU B 317 -21.45 6.43 0.98
N GLN B 318 -22.69 6.79 1.32
CA GLN B 318 -23.48 5.92 2.18
C GLN B 318 -23.61 4.52 1.57
N VAL B 319 -23.95 4.45 0.28
CA VAL B 319 -24.03 3.14 -0.38
C VAL B 319 -22.65 2.46 -0.39
N PHE B 320 -21.58 3.21 -0.67
CA PHE B 320 -20.23 2.64 -0.55
C PHE B 320 -20.08 1.96 0.81
N GLN B 321 -20.50 2.65 1.88
CA GLN B 321 -20.43 2.07 3.22
C GLN B 321 -21.26 0.80 3.29
N GLU B 322 -22.50 0.85 2.78
CA GLU B 322 -23.37 -0.32 2.83
C GLU B 322 -22.70 -1.52 2.19
N LEU B 323 -21.93 -1.30 1.11
CA LEU B 323 -21.30 -2.37 0.33
C LEU B 323 -19.91 -2.75 0.83
N ASN B 324 -19.42 -2.12 1.89
CA ASN B 324 -18.04 -2.28 2.35
C ASN B 324 -17.05 -2.01 1.22
N ASN B 325 -17.31 -0.98 0.42
CA ASN B 325 -16.29 -0.48 -0.50
C ASN B 325 -15.50 0.63 0.19
N PHE B 326 -14.45 0.24 0.91
CA PHE B 326 -13.67 1.21 1.66
C PHE B 326 -12.78 2.04 0.75
N ASN B 327 -12.38 1.47 -0.38
CA ASN B 327 -11.78 2.29 -1.42
C ASN B 327 -12.74 3.39 -1.90
N GLY B 328 -14.01 3.04 -2.14
CA GLY B 328 -15.00 4.05 -2.45
C GLY B 328 -15.12 5.09 -1.34
N VAL B 329 -15.29 4.64 -0.10
CA VAL B 329 -15.40 5.57 1.02
C VAL B 329 -14.22 6.55 1.01
N LEU B 330 -13.01 6.02 0.85
CA LEU B 330 -11.85 6.90 0.93
C LEU B 330 -11.74 7.83 -0.26
N GLU B 331 -12.15 7.39 -1.45
CA GLU B 331 -12.26 8.31 -2.57
C GLU B 331 -13.06 9.55 -2.19
N VAL B 332 -14.18 9.36 -1.48
CA VAL B 332 -15.03 10.49 -1.15
C VAL B 332 -14.40 11.31 -0.04
N VAL B 333 -13.89 10.62 0.98
CA VAL B 333 -13.30 11.33 2.12
C VAL B 333 -12.13 12.17 1.66
N SER B 334 -11.28 11.61 0.80
CA SER B 334 -10.15 12.38 0.29
C SER B 334 -10.63 13.61 -0.47
N ALA B 335 -11.70 13.47 -1.24
CA ALA B 335 -12.22 14.61 -1.98
C ALA B 335 -12.71 15.71 -1.04
N MET B 336 -13.35 15.33 0.06
CA MET B 336 -13.85 16.35 0.97
C MET B 336 -12.74 16.97 1.79
N ASN B 337 -11.63 16.26 1.98
CA ASN B 337 -10.50 16.81 2.71
C ASN B 337 -9.61 17.67 1.84
N SER B 338 -9.87 17.71 0.54
CA SER B 338 -8.98 18.40 -0.38
C SER B 338 -9.12 19.90 -0.21
N SER B 339 -8.06 20.61 -0.61
CA SER B 339 -8.04 22.04 -0.40
C SER B 339 -9.17 22.77 -1.09
N PRO B 340 -9.53 22.45 -2.33
CA PRO B 340 -10.63 23.18 -2.99
C PRO B 340 -11.98 22.94 -2.35
N VAL B 341 -12.24 21.75 -1.80
CA VAL B 341 -13.57 21.42 -1.32
C VAL B 341 -13.72 21.76 0.17
N TYR B 342 -12.67 21.51 0.94
CA TYR B 342 -12.74 21.65 2.39
C TYR B 342 -13.10 23.06 2.83
N ARG B 343 -12.65 24.08 2.09
CA ARG B 343 -12.86 25.46 2.49
C ARG B 343 -14.25 26.02 2.15
N LEU B 344 -15.12 25.25 1.49
CA LEU B 344 -16.40 25.76 1.02
C LEU B 344 -17.44 25.74 2.16
N ASP B 345 -17.23 26.64 3.12
CA ASP B 345 -18.12 26.74 4.29
C ASP B 345 -19.56 27.04 3.90
N HIS B 346 -19.79 27.89 2.90
CA HIS B 346 -21.19 28.18 2.60
C HIS B 346 -21.92 26.96 2.06
N THR B 347 -21.19 25.99 1.50
CA THR B 347 -21.80 24.80 0.95
C THR B 347 -22.13 23.79 2.05
N PHE B 348 -21.18 23.53 2.95
CA PHE B 348 -21.44 22.58 4.02
C PHE B 348 -22.49 23.10 4.99
N GLU B 349 -22.60 24.44 5.10
CA GLU B 349 -23.66 25.05 5.88
C GLU B 349 -25.04 24.45 5.55
N GLN B 350 -25.34 24.31 4.27
N GLN B 350 -25.35 24.32 4.26
CA GLN B 350 -26.64 23.85 3.80
CA GLN B 350 -26.65 23.85 3.81
C GLN B 350 -26.74 22.33 3.72
C GLN B 350 -26.76 22.33 3.74
N ILE B 351 -25.69 21.59 4.05
CA ILE B 351 -25.77 20.13 4.04
C ILE B 351 -26.60 19.68 5.23
N PRO B 352 -27.65 18.88 5.05
CA PRO B 352 -28.47 18.47 6.20
C PRO B 352 -27.66 17.63 7.18
N SER B 353 -27.98 17.80 8.47
CA SER B 353 -27.15 17.24 9.53
C SER B 353 -27.00 15.73 9.39
N ARG B 354 -28.03 15.05 8.88
CA ARG B 354 -27.93 13.60 8.75
C ARG B 354 -26.81 13.21 7.80
N GLN B 355 -26.67 13.91 6.68
CA GLN B 355 -25.55 13.67 5.77
C GLN B 355 -24.23 14.12 6.36
N LYS B 356 -24.21 15.23 7.09
CA LYS B 356 -22.99 15.61 7.79
C LYS B 356 -22.50 14.48 8.66
N LYS B 357 -23.41 13.81 9.36
CA LYS B 357 -22.98 12.75 10.27
C LYS B 357 -22.43 11.56 9.49
N ILE B 358 -23.06 11.23 8.35
CA ILE B 358 -22.56 10.18 7.48
C ILE B 358 -21.11 10.49 7.06
N LEU B 359 -20.90 11.69 6.54
CA LEU B 359 -19.54 12.09 6.16
C LEU B 359 -18.62 12.14 7.37
N GLU B 360 -19.14 12.51 8.54
CA GLU B 360 -18.29 12.57 9.71
C GLU B 360 -17.85 11.17 10.13
N GLU B 361 -18.76 10.21 10.12
CA GLU B 361 -18.42 8.83 10.44
C GLU B 361 -17.38 8.30 9.47
N ALA B 362 -17.54 8.61 8.18
CA ALA B 362 -16.60 8.14 7.17
C ALA B 362 -15.21 8.74 7.39
N HIS B 363 -15.14 10.07 7.55
CA HIS B 363 -13.84 10.70 7.74
C HIS B 363 -13.14 10.16 8.97
N GLU B 364 -13.89 9.94 10.04
CA GLU B 364 -13.29 9.45 11.28
C GLU B 364 -12.62 8.08 11.11
N LEU B 365 -13.01 7.31 10.08
CA LEU B 365 -12.30 6.06 9.83
C LEU B 365 -10.82 6.31 9.61
N SER B 366 -10.47 7.47 9.05
CA SER B 366 -9.11 7.74 8.62
C SER B 366 -8.28 8.37 9.71
N GLU B 367 -8.90 8.86 10.78
CA GLU B 367 -8.15 9.53 11.84
C GLU B 367 -7.36 8.53 12.68
N ASP B 368 -6.39 9.06 13.42
CA ASP B 368 -5.47 8.30 14.26
C ASP B 368 -4.95 7.07 13.52
N HIS B 369 -4.29 7.35 12.39
CA HIS B 369 -3.66 6.33 11.55
C HIS B 369 -4.62 5.19 11.22
N TYR B 370 -5.84 5.56 10.85
CA TYR B 370 -6.81 4.58 10.35
C TYR B 370 -7.30 3.62 11.44
N LYS B 371 -7.21 4.03 12.71
CA LYS B 371 -7.62 3.18 13.82
C LYS B 371 -9.00 2.59 13.58
N LYS B 372 -9.99 3.44 13.32
CA LYS B 372 -11.33 2.90 13.15
C LYS B 372 -11.50 2.16 11.83
N TYR B 373 -10.84 2.61 10.76
CA TYR B 373 -10.91 1.80 9.54
C TYR B 373 -10.44 0.38 9.82
N LEU B 374 -9.32 0.24 10.55
CA LEU B 374 -8.75 -1.10 10.74
C LEU B 374 -9.69 -1.98 11.57
N ALA B 375 -10.31 -1.43 12.62
CA ALA B 375 -11.28 -2.19 13.38
C ALA B 375 -12.48 -2.57 12.51
N LYS B 376 -13.04 -1.60 11.80
CA LYS B 376 -14.24 -1.89 11.01
C LYS B 376 -13.98 -3.00 9.99
N LEU B 377 -12.80 -2.99 9.36
CA LEU B 377 -12.49 -4.00 8.36
C LEU B 377 -12.35 -5.39 8.98
N ARG B 378 -11.60 -5.50 10.09
CA ARG B 378 -11.46 -6.77 10.79
C ARG B 378 -12.81 -7.38 11.14
N SER B 379 -13.86 -6.58 11.19
CA SER B 379 -15.14 -7.04 11.70
C SER B 379 -16.15 -7.32 10.60
N ILE B 380 -15.85 -7.03 9.35
CA ILE B 380 -16.79 -7.34 8.30
C ILE B 380 -16.37 -8.63 7.62
N ASN B 381 -17.32 -9.25 6.94
CA ASN B 381 -16.97 -10.41 6.13
C ASN B 381 -17.18 -10.09 4.66
N PRO B 382 -16.36 -10.67 3.80
CA PRO B 382 -16.49 -10.44 2.34
C PRO B 382 -17.94 -10.52 1.88
N PRO B 383 -18.25 -9.94 0.70
CA PRO B 383 -17.36 -9.14 -0.17
C PRO B 383 -17.08 -7.75 0.38
N CYS B 384 -15.84 -7.28 0.23
CA CYS B 384 -15.53 -5.88 0.45
C CYS B 384 -14.40 -5.48 -0.49
N VAL B 385 -14.12 -4.18 -0.52
CA VAL B 385 -12.99 -3.62 -1.23
C VAL B 385 -12.15 -2.83 -0.24
N PRO B 386 -11.06 -3.41 0.25
CA PRO B 386 -10.21 -2.68 1.20
C PRO B 386 -9.50 -1.50 0.55
N PHE B 387 -9.06 -0.57 1.39
CA PHE B 387 -8.19 0.49 0.94
C PHE B 387 -6.77 -0.06 0.92
N PHE B 388 -6.11 0.04 -0.22
CA PHE B 388 -4.84 -0.63 -0.45
C PHE B 388 -3.67 0.12 0.18
N GLY B 389 -3.81 1.44 0.37
CA GLY B 389 -2.68 2.25 0.81
C GLY B 389 -2.00 1.74 2.08
N ILE B 390 -2.81 1.39 3.09
CA ILE B 390 -2.26 0.85 4.32
C ILE B 390 -1.35 -0.34 4.05
N TYR B 391 -1.77 -1.27 3.16
CA TYR B 391 -0.94 -2.44 2.88
C TYR B 391 0.40 -2.03 2.29
N LEU B 392 0.39 -1.10 1.34
CA LEU B 392 1.63 -0.65 0.71
C LEU B 392 2.60 -0.12 1.74
N THR B 393 2.12 0.76 2.62
CA THR B 393 3.00 1.35 3.62
C THR B 393 3.56 0.30 4.56
N ASN B 394 2.72 -0.68 4.97
CA ASN B 394 3.18 -1.66 5.93
C ASN B 394 4.20 -2.60 5.28
N ILE B 395 3.98 -2.95 4.02
CA ILE B 395 4.94 -3.78 3.31
C ILE B 395 6.25 -3.02 3.14
N LEU B 396 6.16 -1.74 2.78
CA LEU B 396 7.37 -0.95 2.56
C LEU B 396 8.20 -0.83 3.83
N LYS B 397 7.56 -0.45 4.94
CA LYS B 397 8.29 -0.22 6.17
C LYS B 397 8.83 -1.52 6.76
N THR B 398 8.12 -2.62 6.52
CA THR B 398 8.63 -3.91 6.96
C THR B 398 9.92 -4.24 6.24
N GLU B 399 9.94 -4.03 4.93
CA GLU B 399 11.13 -4.36 4.15
C GLU B 399 12.26 -3.39 4.43
N GLU B 400 11.93 -2.11 4.64
CA GLU B 400 12.96 -1.11 4.84
C GLU B 400 13.39 -0.98 6.27
N GLY B 401 12.57 -1.40 7.22
CA GLY B 401 12.90 -1.25 8.62
C GLY B 401 13.48 -2.48 9.30
N ASN B 402 13.83 -3.53 8.54
CA ASN B 402 14.42 -4.76 9.08
C ASN B 402 15.60 -5.20 8.25
N PRO B 403 16.65 -5.69 8.88
CA PRO B 403 17.85 -6.10 8.13
C PRO B 403 17.59 -7.29 7.23
N GLU B 404 18.28 -7.30 6.08
CA GLU B 404 18.15 -8.39 5.14
C GLU B 404 18.84 -9.66 5.66
N VAL B 405 19.74 -9.50 6.62
CA VAL B 405 20.63 -10.57 7.04
C VAL B 405 20.93 -10.33 8.51
N LEU B 406 20.98 -11.41 9.27
CA LEU B 406 21.40 -11.38 10.65
C LEU B 406 22.77 -12.04 10.73
N LYS B 407 23.58 -11.63 11.69
CA LYS B 407 24.90 -12.21 11.88
C LYS B 407 24.95 -12.98 13.19
N ARG B 408 25.43 -14.23 13.12
CA ARG B 408 25.61 -15.07 14.29
C ARG B 408 26.99 -15.71 14.19
N HIS B 409 27.83 -15.51 15.22
CA HIS B 409 29.17 -16.08 15.24
C HIS B 409 29.93 -15.76 13.94
N GLY B 410 29.85 -14.48 13.52
CA GLY B 410 30.48 -14.04 12.29
C GLY B 410 29.83 -14.55 11.02
N LYS B 411 28.88 -15.48 11.12
CA LYS B 411 28.24 -16.06 9.95
C LYS B 411 26.98 -15.27 9.58
N GLU B 412 26.75 -15.17 8.27
CA GLU B 412 25.65 -14.39 7.71
C GLU B 412 24.45 -15.31 7.45
N LEU B 413 23.29 -14.91 7.97
CA LEU B 413 22.03 -15.68 7.91
C LEU B 413 20.92 -14.84 7.28
N ILE B 414 20.23 -15.40 6.29
CA ILE B 414 19.13 -14.67 5.68
C ILE B 414 18.04 -14.45 6.73
N ASN B 415 17.58 -13.21 6.85
CA ASN B 415 16.53 -12.87 7.80
C ASN B 415 15.20 -13.29 7.19
N PHE B 416 14.70 -14.45 7.58
CA PHE B 416 13.48 -14.95 6.94
C PHE B 416 12.23 -14.38 7.58
N SER B 417 12.24 -14.16 8.89
CA SER B 417 11.00 -13.74 9.54
C SER B 417 10.52 -12.39 9.00
N LYS B 418 11.43 -11.54 8.54
CA LYS B 418 11.00 -10.34 7.84
C LYS B 418 10.21 -10.69 6.59
N ARG B 419 10.62 -11.76 5.89
CA ARG B 419 9.86 -12.21 4.73
C ARG B 419 8.51 -12.81 5.15
N ARG B 420 8.50 -13.61 6.22
CA ARG B 420 7.23 -14.03 6.79
C ARG B 420 6.31 -12.85 7.03
N LYS B 421 6.82 -11.76 7.61
CA LYS B 421 5.97 -10.63 7.94
C LYS B 421 5.31 -10.07 6.69
N VAL B 422 6.06 -10.01 5.58
CA VAL B 422 5.52 -9.46 4.35
C VAL B 422 4.52 -10.41 3.71
N ALA B 423 4.80 -11.73 3.78
CA ALA B 423 3.83 -12.70 3.28
C ALA B 423 2.53 -12.65 4.07
N GLU B 424 2.60 -12.40 5.38
CA GLU B 424 1.36 -12.21 6.12
C GLU B 424 0.53 -11.08 5.54
N ILE B 425 1.16 -9.98 5.10
CA ILE B 425 0.37 -8.87 4.57
C ILE B 425 -0.21 -9.25 3.20
N THR B 426 0.59 -9.82 2.31
CA THR B 426 0.04 -10.24 1.03
C THR B 426 -0.99 -11.33 1.19
N GLY B 427 -0.88 -12.15 2.25
CA GLY B 427 -1.93 -13.11 2.52
C GLY B 427 -3.25 -12.47 2.89
N GLU B 428 -3.21 -11.45 3.74
CA GLU B 428 -4.45 -10.74 4.10
C GLU B 428 -5.08 -10.05 2.89
N ILE B 429 -4.27 -9.59 1.93
CA ILE B 429 -4.79 -9.01 0.70
C ILE B 429 -5.55 -10.05 -0.10
N GLN B 430 -5.00 -11.26 -0.20
CA GLN B 430 -5.63 -12.29 -1.01
C GLN B 430 -6.93 -12.77 -0.39
N GLN B 431 -7.04 -12.74 0.95
CA GLN B 431 -8.24 -13.26 1.58
C GLN B 431 -9.45 -12.39 1.25
N TYR B 432 -9.25 -11.11 0.92
CA TYR B 432 -10.36 -10.27 0.50
C TYR B 432 -10.56 -10.28 -1.01
N GLN B 433 -9.72 -10.99 -1.75
CA GLN B 433 -9.89 -11.09 -3.19
C GLN B 433 -10.72 -12.29 -3.60
N ASN B 434 -11.13 -13.13 -2.64
CA ASN B 434 -11.75 -14.40 -2.98
C ASN B 434 -13.19 -14.20 -3.46
N GLN B 435 -13.98 -13.40 -2.72
CA GLN B 435 -15.43 -13.33 -2.82
C GLN B 435 -15.89 -12.15 -3.68
N PRO B 436 -16.74 -12.38 -4.68
CA PRO B 436 -17.19 -11.28 -5.55
C PRO B 436 -18.53 -10.72 -5.11
N TYR B 437 -18.90 -9.55 -5.63
CA TYR B 437 -20.17 -8.94 -5.26
C TYR B 437 -21.31 -9.52 -6.09
N CYS B 438 -22.46 -9.70 -5.44
CA CYS B 438 -23.68 -10.13 -6.11
C CYS B 438 -24.38 -8.89 -6.68
N LEU B 439 -23.76 -8.32 -7.71
CA LEU B 439 -24.33 -7.15 -8.37
C LEU B 439 -24.14 -7.29 -9.87
N ARG B 440 -25.11 -6.78 -10.64
CA ARG B 440 -25.08 -6.91 -12.08
C ARG B 440 -24.36 -5.73 -12.73
N VAL B 441 -23.47 -6.03 -13.67
CA VAL B 441 -22.77 -4.99 -14.42
C VAL B 441 -23.74 -4.29 -15.37
N GLU B 442 -23.63 -2.96 -15.43
CA GLU B 442 -24.31 -2.15 -16.45
C GLU B 442 -23.24 -1.68 -17.44
N SER B 443 -23.17 -2.35 -18.59
CA SER B 443 -22.08 -2.12 -19.54
C SER B 443 -21.80 -0.63 -19.76
N ASP B 444 -22.84 0.18 -19.77
CA ASP B 444 -22.66 1.56 -20.19
C ASP B 444 -22.23 2.48 -19.06
N ILE B 445 -22.82 2.30 -17.87
CA ILE B 445 -22.35 3.04 -16.72
C ILE B 445 -20.91 2.69 -16.44
N LYS B 446 -20.58 1.40 -16.53
CA LYS B 446 -19.22 0.94 -16.35
C LYS B 446 -18.27 1.69 -17.28
N ARG B 447 -18.62 1.78 -18.57
CA ARG B 447 -17.71 2.46 -19.51
C ARG B 447 -17.63 3.94 -19.20
N PHE B 448 -18.73 4.55 -18.78
CA PHE B 448 -18.69 5.95 -18.36
C PHE B 448 -17.59 6.18 -17.34
N PHE B 449 -17.52 5.34 -16.30
CA PHE B 449 -16.52 5.53 -15.25
C PHE B 449 -15.14 5.02 -15.66
N GLU B 450 -15.07 3.98 -16.49
CA GLU B 450 -13.77 3.60 -17.01
C GLU B 450 -13.11 4.74 -17.78
N ASN B 451 -13.90 5.63 -18.38
CA ASN B 451 -13.38 6.67 -19.24
C ASN B 451 -13.39 8.06 -18.59
N LEU B 452 -13.78 8.18 -17.33
CA LEU B 452 -13.65 9.47 -16.64
C LEU B 452 -12.22 9.98 -16.77
N ASN B 453 -12.08 11.23 -17.18
CA ASN B 453 -10.76 11.85 -17.34
C ASN B 453 -10.82 13.31 -16.90
N PRO B 454 -11.03 13.55 -15.60
CA PRO B 454 -11.20 14.94 -15.11
C PRO B 454 -10.02 15.84 -15.42
N MET B 455 -8.80 15.31 -15.47
CA MET B 455 -7.63 16.13 -15.74
C MET B 455 -7.50 16.49 -17.21
N GLY B 456 -8.14 15.74 -18.11
CA GLY B 456 -7.93 16.00 -19.53
C GLY B 456 -6.46 15.89 -19.89
N ASN B 457 -5.95 16.90 -20.58
CA ASN B 457 -4.54 16.99 -20.96
C ASN B 457 -3.70 17.78 -19.97
N SER B 458 -4.30 18.37 -18.94
CA SER B 458 -3.55 19.21 -18.03
C SER B 458 -2.60 18.38 -17.17
N MET B 459 -1.53 19.01 -16.73
CA MET B 459 -0.64 18.36 -15.76
C MET B 459 -1.22 18.48 -14.36
N GLU B 460 -0.75 17.62 -13.46
CA GLU B 460 -1.23 17.60 -12.08
C GLU B 460 -1.28 19.01 -11.47
N LYS B 461 -0.14 19.71 -11.47
CA LYS B 461 -0.07 21.00 -10.77
C LYS B 461 -1.02 22.02 -11.38
N GLU B 462 -1.00 22.12 -12.71
CA GLU B 462 -1.91 23.02 -13.41
C GLU B 462 -3.37 22.70 -13.07
N PHE B 463 -3.72 21.43 -12.97
CA PHE B 463 -5.13 21.08 -12.77
C PHE B 463 -5.57 21.29 -11.32
N THR B 464 -4.73 20.90 -10.35
CA THR B 464 -5.13 21.14 -8.98
C THR B 464 -5.06 22.62 -8.63
N ASP B 465 -4.16 23.38 -9.28
CA ASP B 465 -4.22 24.84 -9.15
C ASP B 465 -5.52 25.38 -9.70
N TYR B 466 -5.99 24.82 -10.83
CA TYR B 466 -7.25 25.28 -11.40
C TYR B 466 -8.43 24.96 -10.47
N LEU B 467 -8.45 23.76 -9.87
CA LEU B 467 -9.52 23.44 -8.92
C LEU B 467 -9.53 24.43 -7.76
N PHE B 468 -8.36 24.72 -7.21
CA PHE B 468 -8.31 25.66 -6.10
C PHE B 468 -8.75 27.06 -6.53
N ASN B 469 -8.33 27.52 -7.72
CA ASN B 469 -8.75 28.85 -8.13
C ASN B 469 -10.26 28.89 -8.37
N LYS B 470 -10.86 27.79 -8.83
CA LYS B 470 -12.32 27.70 -8.94
C LYS B 470 -12.98 27.84 -7.57
N SER B 471 -12.44 27.13 -6.57
CA SER B 471 -12.92 27.28 -5.21
C SER B 471 -12.92 28.75 -4.77
N LEU B 472 -11.77 29.42 -4.91
CA LEU B 472 -11.67 30.83 -4.51
C LEU B 472 -12.66 31.71 -5.26
N GLU B 473 -12.91 31.42 -6.53
CA GLU B 473 -13.89 32.18 -7.31
C GLU B 473 -15.31 31.99 -6.77
N ILE B 474 -15.69 30.76 -6.45
CA ILE B 474 -17.10 30.53 -6.12
C ILE B 474 -17.41 30.86 -4.67
N GLU B 475 -16.40 30.85 -3.80
CA GLU B 475 -16.54 31.30 -2.42
C GLU B 475 -15.24 31.99 -2.02
N PRO B 476 -15.10 33.27 -2.32
CA PRO B 476 -13.83 33.97 -2.04
C PRO B 476 -13.53 34.09 -0.55
N ARG B 477 -12.26 34.40 -0.25
CA ARG B 477 -11.78 34.45 1.12
C ARG B 477 -12.53 35.51 1.95
N ASN B 478 -12.78 35.18 3.21
CA ASN B 478 -13.87 35.67 4.04
C ASN B 478 -14.18 37.17 3.94
N PRO B 479 -13.19 38.07 3.85
CA PRO B 479 -13.54 39.50 3.70
C PRO B 479 -14.49 39.73 2.52
N LYS B 480 -14.08 39.33 1.30
CA LYS B 480 -14.89 39.56 0.10
C LYS B 480 -16.27 38.91 0.22
N PRO B 481 -17.32 39.59 -0.23
CA PRO B 481 -18.68 39.05 -0.06
C PRO B 481 -18.93 37.86 -0.97
N LEU B 482 -19.98 37.10 -0.66
CA LEU B 482 -20.24 35.91 -1.45
C LEU B 482 -21.02 36.27 -2.72
N PRO B 483 -20.45 36.09 -3.90
CA PRO B 483 -21.18 36.42 -5.15
C PRO B 483 -22.25 35.39 -5.44
N ARG B 484 -23.01 35.66 -6.50
CA ARG B 484 -24.02 34.72 -7.02
C ARG B 484 -23.64 34.30 -8.43
N PHE B 485 -24.15 33.14 -8.81
CA PHE B 485 -23.81 32.52 -10.08
C PHE B 485 -25.07 31.89 -10.65
N PRO B 486 -25.21 31.90 -11.96
CA PRO B 486 -26.38 31.30 -12.60
C PRO B 486 -26.33 29.79 -12.55
N LYS B 487 -27.51 29.17 -12.46
CA LYS B 487 -27.64 27.73 -12.51
C LYS B 487 -27.16 27.17 -13.84
N LYS B 488 -26.64 25.93 -13.80
CA LYS B 488 -26.12 25.24 -14.97
C LYS B 488 -26.87 23.97 -15.31
N TYR B 489 -27.79 23.49 -14.46
CA TYR B 489 -28.49 22.24 -14.69
C TYR B 489 -29.94 22.51 -15.07
N SER B 490 -30.38 21.87 -16.17
CA SER B 490 -31.73 22.01 -16.69
C SER B 490 -32.71 21.07 -16.00
N TYR B 491 -32.24 19.96 -15.46
CA TYR B 491 -33.11 18.96 -14.86
C TYR B 491 -33.26 19.24 -13.38
N PRO B 492 -34.16 18.51 -12.71
CA PRO B 492 -34.36 18.74 -11.28
C PRO B 492 -33.27 18.10 -10.43
N LEU B 493 -32.90 18.81 -9.37
CA LEU B 493 -31.78 18.47 -8.52
C LEU B 493 -32.15 17.53 -7.38
N LYS B 494 -33.42 17.20 -7.21
CA LYS B 494 -33.82 16.37 -6.10
C LYS B 494 -33.30 14.94 -6.29
N SER B 495 -32.86 14.35 -5.18
CA SER B 495 -32.26 13.02 -5.21
C SER B 495 -33.32 11.92 -5.07
N PRO B 496 -33.17 10.81 -5.81
CA PRO B 496 -34.03 9.63 -5.56
C PRO B 496 -33.78 8.97 -4.22
N GLY B 497 -32.68 9.27 -3.54
CA GLY B 497 -32.36 8.61 -2.29
C GLY B 497 -31.58 7.35 -2.53
N VAL B 498 -31.24 6.68 -1.43
CA VAL B 498 -30.42 5.46 -1.48
C VAL B 498 -31.17 4.20 -1.10
N ARG B 499 -32.48 4.29 -0.83
CA ARG B 499 -33.20 3.02 -0.68
C ARG B 499 -33.72 2.58 -2.04
N PRO B 500 -33.61 1.28 -2.40
CA PRO B 500 -34.00 0.84 -3.76
C PRO B 500 -35.51 0.85 -4.04
N SER B 501 -35.89 0.50 -5.27
CA SER B 501 -37.26 0.75 -5.74
C SER B 501 -38.19 -0.45 -5.54
N ASN B 502 -37.71 -1.69 -5.69
CA ASN B 502 -38.41 -2.89 -5.19
C ASN B 502 -38.02 -4.19 -5.91
N LYS C 1 -15.84 25.43 13.65
CA LYS C 1 -14.73 24.72 14.19
C LYS C 1 -14.72 23.22 14.14
N HIS C 3 -13.68 20.93 11.53
CA HIS C 3 -14.14 20.35 10.29
C HIS C 3 -15.57 20.83 9.96
N PRO C 4 -15.82 21.20 8.57
CA PRO C 4 -17.25 21.74 8.09
C PRO C 4 -18.36 20.70 8.29
N TRP C 5 -18.06 19.24 8.45
CA TRP C 5 -19.20 18.34 8.57
C TRP C 5 -19.37 17.90 10.01
N SER C 6 -18.88 18.83 10.99
CA SER C 6 -19.01 18.40 12.35
C SER C 6 -20.13 19.18 13.06
N VAL C 7 -20.89 18.43 14.13
CA VAL C 7 -21.87 19.18 14.87
C VAL C 7 -21.18 20.44 15.52
N ALA C 8 -21.29 21.84 14.92
CA ALA C 8 -20.69 23.04 15.53
C ALA C 8 -21.24 23.17 16.99
#